data_2DSU
#
_entry.id   2DSU
#
_cell.length_a   62.750
_cell.length_b   66.510
_cell.length_c   107.574
_cell.angle_alpha   90.00
_cell.angle_beta   90.00
_cell.angle_gamma   90.00
#
_symmetry.space_group_name_H-M   'P 21 21 21'
#
loop_
_entity.id
_entity.type
_entity.pdbx_description
1 polymer 'Chitinase-3-like protein 1'
2 branched alpha-D-mannopyranose-(1-4)-beta-D-mannopyranose-(1-4)-2-acetamido-2-deoxy-alpha-D-glucopyranose-(1-4)-2-acetamido-2-deoxy-beta-D-glucopyranose
3 branched 2-acetamido-2-deoxy-beta-D-glucopyranose-(1-4)-2-acetamido-2-deoxy-beta-D-glucopyranose-(1-4)-2-acetamido-2-deoxy-beta-D-glucopyranose-(1-4)-2-acetamido-2-deoxy-alpha-D-glucopyranose
4 water water
#
_entity_poly.entity_id   1
_entity_poly.type   'polypeptide(L)'
_entity_poly.pdbx_seq_one_letter_code
;YKLICYYTSWSQYREGDGSCFPDAIDPFLCTHVIYSFANISNNEIDTWEWNDVTLYDTLNTLKNRNPKLKTLLSVGGWNF
GPERFSAIASKTQSRRTFIKSVPPFLRTHGFDGLDLAWLYPGRRDKRHLTTLVKEMKAEFIREAQAGTEQLLLSAAVSAG
KIAIDRGYDIAQISRHLDFISLLTYDFHGAWRQTVGHHSPLFAGNEDASSRFSNADYAVSYMLRLGAPANKLVMGIPTFG
RSFTLASSKTDVGAPVSGPGVPGRFTKEKGILAYYEICDFLHGATTHRFRDQQVPYATKGNQWVAYDDQESVKNKARYLK
NRQLAGAMVWALDLDDFRGTFCGQNLTFPLTSAVKDVLAEV
;
_entity_poly.pdbx_strand_id   A
#
loop_
_chem_comp.id
_chem_comp.type
_chem_comp.name
_chem_comp.formula
BMA D-saccharide, beta linking beta-D-mannopyranose 'C6 H12 O6'
MAN D-saccharide, alpha linking alpha-D-mannopyranose 'C6 H12 O6'
NAG D-saccharide, beta linking 2-acetamido-2-deoxy-beta-D-glucopyranose 'C8 H15 N O6'
NDG D-saccharide, alpha linking 2-acetamido-2-deoxy-alpha-D-glucopyranose 'C8 H15 N O6'
#
# COMPACT_ATOMS: atom_id res chain seq x y z
N TYR A 1 -4.28 17.07 -5.39
CA TYR A 1 -3.86 15.64 -5.43
C TYR A 1 -3.97 15.02 -4.04
N LYS A 2 -4.17 13.71 -3.99
CA LYS A 2 -4.25 13.03 -2.71
C LYS A 2 -2.94 12.29 -2.44
N LEU A 3 -2.55 12.22 -1.18
CA LEU A 3 -1.35 11.48 -0.81
C LEU A 3 -1.86 10.59 0.34
N ILE A 4 -2.16 9.34 0.00
CA ILE A 4 -2.68 8.35 0.93
C ILE A 4 -1.50 7.59 1.54
N CYS A 5 -1.40 7.60 2.86
CA CYS A 5 -0.29 6.92 3.51
C CYS A 5 -0.70 5.89 4.57
N TYR A 6 -0.11 4.71 4.49
CA TYR A 6 -0.39 3.65 5.44
C TYR A 6 0.57 3.63 6.62
N TYR A 7 0.03 3.29 7.79
CA TYR A 7 0.82 3.15 9.01
C TYR A 7 0.47 1.74 9.51
N THR A 8 1.47 0.95 9.86
CA THR A 8 1.21 -0.40 10.32
C THR A 8 1.34 -0.57 11.83
N SER A 9 0.35 -1.26 12.40
CA SER A 9 0.23 -1.58 13.83
C SER A 9 1.45 -2.24 14.44
N TRP A 10 1.96 -3.23 13.72
CA TRP A 10 3.07 -4.03 14.20
C TRP A 10 4.43 -3.34 14.17
N SER A 11 4.51 -2.15 13.58
CA SER A 11 5.78 -1.45 13.51
C SER A 11 6.20 -0.91 14.88
N GLN A 12 5.28 -0.91 15.84
CA GLN A 12 5.57 -0.43 17.19
C GLN A 12 6.53 -1.38 17.91
N TYR A 13 6.52 -2.65 17.52
CA TYR A 13 7.35 -3.67 18.18
C TYR A 13 8.79 -3.81 17.71
N ARG A 14 9.18 -3.11 16.66
CA ARG A 14 10.55 -3.22 16.16
C ARG A 14 11.55 -2.66 17.17
N GLU A 15 12.72 -3.27 17.29
CA GLU A 15 13.66 -2.76 18.28
C GLU A 15 14.38 -1.48 17.96
N GLY A 16 14.70 -0.76 19.04
CA GLY A 16 15.40 0.50 18.94
C GLY A 16 14.74 1.54 18.07
N ASP A 17 15.55 2.13 17.21
CA ASP A 17 15.09 3.17 16.28
C ASP A 17 14.00 2.71 15.31
N GLY A 18 13.94 1.42 15.03
CA GLY A 18 12.93 0.91 14.12
C GLY A 18 11.52 1.10 14.67
N SER A 19 11.40 1.15 15.99
CA SER A 19 10.10 1.31 16.63
C SER A 19 9.43 2.59 16.14
N CYS A 20 8.20 2.46 15.66
CA CYS A 20 7.46 3.60 15.15
C CYS A 20 6.03 3.67 15.70
N PHE A 21 5.68 4.80 16.32
CA PHE A 21 4.34 5.03 16.86
C PHE A 21 3.70 6.15 16.05
N PRO A 22 2.36 6.24 16.02
CA PRO A 22 1.66 7.28 15.25
C PRO A 22 2.14 8.72 15.43
N ASP A 23 2.63 9.05 16.62
CA ASP A 23 3.08 10.42 16.86
C ASP A 23 4.39 10.78 16.15
N ALA A 24 5.00 9.82 15.47
CA ALA A 24 6.22 10.08 14.72
C ALA A 24 5.82 10.64 13.35
N ILE A 25 4.54 10.53 13.03
CA ILE A 25 3.99 10.99 11.75
C ILE A 25 3.79 12.51 11.68
N ASP A 26 4.33 13.11 10.63
CA ASP A 26 4.19 14.54 10.36
C ASP A 26 2.73 14.76 9.95
N PRO A 27 1.96 15.55 10.71
CA PRO A 27 0.54 15.80 10.38
C PRO A 27 0.28 16.45 9.03
N PHE A 28 1.27 17.16 8.50
CA PHE A 28 1.11 17.86 7.23
C PHE A 28 1.69 17.16 6.01
N LEU A 29 2.24 15.97 6.20
CA LEU A 29 2.84 15.23 5.11
C LEU A 29 1.83 14.65 4.11
N CYS A 30 0.90 13.86 4.63
CA CYS A 30 -0.11 13.20 3.80
C CYS A 30 -1.47 13.86 3.91
N THR A 31 -2.37 13.55 2.98
CA THR A 31 -3.71 14.10 3.04
C THR A 31 -4.59 13.10 3.79
N HIS A 32 -4.26 11.81 3.66
CA HIS A 32 -5.01 10.74 4.32
C HIS A 32 -4.05 9.72 4.92
N VAL A 33 -4.28 9.33 6.17
CA VAL A 33 -3.45 8.29 6.79
C VAL A 33 -4.36 7.10 7.11
N ILE A 34 -3.91 5.92 6.72
CA ILE A 34 -4.69 4.72 6.95
C ILE A 34 -4.00 3.80 7.94
N TYR A 35 -4.74 3.43 8.98
CA TYR A 35 -4.23 2.54 10.02
C TYR A 35 -4.52 1.08 9.60
N SER A 36 -3.49 0.24 9.60
CA SER A 36 -3.61 -1.18 9.21
C SER A 36 -3.20 -2.09 10.38
N PHE A 37 -3.99 -3.11 10.72
CA PHE A 37 -5.26 -3.47 10.08
C PHE A 37 -6.26 -3.78 11.20
N ALA A 38 -7.54 -3.68 10.89
CA ALA A 38 -8.58 -4.01 11.86
C ALA A 38 -8.91 -5.46 11.55
N ASN A 39 -9.51 -6.13 12.51
CA ASN A 39 -9.86 -7.53 12.36
C ASN A 39 -11.38 -7.66 12.27
N ILE A 40 -11.86 -8.88 12.05
CA ILE A 40 -13.31 -9.12 12.01
C ILE A 40 -13.54 -10.27 12.98
N SER A 41 -14.38 -10.00 13.98
CA SER A 41 -14.70 -10.99 15.02
C SER A 41 -16.22 -11.07 15.16
N ASN A 42 -16.76 -12.29 15.17
CA ASN A 42 -18.20 -12.47 15.29
C ASN A 42 -18.87 -11.62 14.22
N ASN A 43 -18.27 -11.59 13.04
CA ASN A 43 -18.81 -10.81 11.92
C ASN A 43 -18.93 -9.32 12.18
N GLU A 44 -18.05 -8.80 13.04
CA GLU A 44 -18.04 -7.40 13.31
C GLU A 44 -16.61 -6.87 13.24
N ILE A 45 -16.44 -5.62 12.83
CA ILE A 45 -15.10 -5.05 12.77
C ILE A 45 -14.62 -5.00 14.23
N ASP A 46 -13.32 -5.17 14.42
CA ASP A 46 -12.79 -5.19 15.76
C ASP A 46 -11.31 -4.80 15.75
N THR A 47 -10.77 -4.55 16.94
CA THR A 47 -9.37 -4.19 17.07
C THR A 47 -8.51 -5.42 16.81
N TRP A 48 -7.21 -5.19 16.63
CA TRP A 48 -6.29 -6.29 16.36
C TRP A 48 -5.22 -6.41 17.45
N GLU A 49 -4.49 -5.32 17.69
CA GLU A 49 -3.45 -5.30 18.71
C GLU A 49 -4.06 -4.96 20.04
N TRP A 50 -3.42 -5.41 21.12
CA TRP A 50 -3.89 -5.16 22.48
C TRP A 50 -4.01 -3.66 22.78
N ASN A 51 -3.13 -2.85 22.21
CA ASN A 51 -3.20 -1.41 22.48
C ASN A 51 -3.75 -0.54 21.35
N ASP A 52 -4.49 -1.13 20.42
CA ASP A 52 -5.05 -0.37 19.29
C ASP A 52 -5.89 0.86 19.68
N VAL A 53 -6.81 0.73 20.64
CA VAL A 53 -7.62 1.89 21.00
C VAL A 53 -6.77 3.08 21.42
N THR A 54 -5.62 2.80 22.03
CA THR A 54 -4.70 3.86 22.43
C THR A 54 -4.00 4.44 21.20
N LEU A 55 -3.56 3.55 20.30
CA LEU A 55 -2.88 4.03 19.09
C LEU A 55 -3.87 4.75 18.18
N TYR A 56 -5.13 4.31 18.18
CA TYR A 56 -6.17 4.97 17.37
C TYR A 56 -6.24 6.42 17.85
N ASP A 57 -6.28 6.57 19.17
CA ASP A 57 -6.37 7.89 19.78
C ASP A 57 -5.16 8.75 19.46
N THR A 58 -3.97 8.14 19.46
CA THR A 58 -2.74 8.88 19.17
C THR A 58 -2.71 9.35 17.71
N LEU A 59 -3.15 8.49 16.80
CA LEU A 59 -3.19 8.81 15.37
C LEU A 59 -4.16 9.95 15.11
N ASN A 60 -5.35 9.83 15.69
CA ASN A 60 -6.36 10.84 15.47
C ASN A 60 -6.15 12.20 16.15
N THR A 61 -5.21 12.30 17.09
CA THR A 61 -4.99 13.61 17.68
C THR A 61 -4.14 14.45 16.72
N LEU A 62 -3.59 13.80 15.68
CA LEU A 62 -2.79 14.52 14.70
C LEU A 62 -3.71 15.51 14.01
N LYS A 63 -5.00 15.21 14.04
CA LYS A 63 -5.98 16.08 13.42
C LYS A 63 -6.20 17.37 14.19
N ASN A 64 -5.65 17.47 15.40
CA ASN A 64 -5.78 18.68 16.18
C ASN A 64 -4.72 19.67 15.64
N ARG A 65 -3.71 19.13 14.98
CA ARG A 65 -2.66 19.96 14.41
C ARG A 65 -2.98 20.32 12.96
N ASN A 66 -3.51 19.35 12.21
CA ASN A 66 -3.89 19.58 10.82
C ASN A 66 -5.33 19.10 10.68
N PRO A 67 -6.28 20.03 10.82
CA PRO A 67 -7.72 19.81 10.76
C PRO A 67 -8.18 19.28 9.38
N LYS A 68 -7.32 19.42 8.38
CA LYS A 68 -7.66 18.94 7.04
C LYS A 68 -7.36 17.45 6.90
N LEU A 69 -6.53 16.91 7.79
CA LEU A 69 -6.15 15.50 7.74
C LEU A 69 -7.34 14.55 7.89
N LYS A 70 -7.36 13.50 7.08
CA LYS A 70 -8.41 12.48 7.17
C LYS A 70 -7.73 11.16 7.53
N THR A 71 -8.37 10.36 8.37
CA THR A 71 -7.81 9.06 8.75
C THR A 71 -8.82 7.99 8.39
N LEU A 72 -8.33 6.81 8.05
CA LEU A 72 -9.20 5.68 7.73
C LEU A 72 -8.64 4.46 8.43
N LEU A 73 -9.49 3.47 8.63
CA LEU A 73 -9.07 2.23 9.26
C LEU A 73 -9.18 1.15 8.18
N SER A 74 -8.11 0.40 7.98
CA SER A 74 -8.12 -0.64 6.96
C SER A 74 -8.44 -2.02 7.56
N VAL A 75 -9.36 -2.75 6.93
CA VAL A 75 -9.71 -4.10 7.40
C VAL A 75 -9.19 -5.15 6.41
N GLY A 76 -8.62 -6.21 6.94
CA GLY A 76 -8.10 -7.25 6.08
C GLY A 76 -6.58 -7.33 6.17
N GLY A 77 -5.94 -7.21 5.02
CA GLY A 77 -4.49 -7.28 5.01
C GLY A 77 -3.98 -8.67 4.69
N TRP A 78 -2.66 -8.78 4.56
CA TRP A 78 -1.99 -10.02 4.22
C TRP A 78 -2.08 -11.18 5.23
N ASN A 79 -2.20 -10.89 6.52
CA ASN A 79 -2.31 -11.96 7.50
C ASN A 79 -3.76 -12.24 7.89
N PHE A 80 -4.64 -11.87 6.99
CA PHE A 80 -6.06 -12.06 7.16
C PHE A 80 -6.42 -13.02 6.04
N GLY A 81 -6.88 -14.22 6.40
CA GLY A 81 -7.24 -15.17 5.37
C GLY A 81 -8.28 -14.61 4.42
N PRO A 82 -8.03 -14.63 3.10
CA PRO A 82 -9.05 -14.09 2.18
C PRO A 82 -10.32 -14.94 2.24
N GLU A 83 -10.17 -16.20 2.67
CA GLU A 83 -11.31 -17.10 2.79
C GLU A 83 -12.26 -16.55 3.86
N ARG A 84 -11.69 -15.90 4.87
CA ARG A 84 -12.51 -15.33 5.93
C ARG A 84 -13.38 -14.22 5.34
N PHE A 85 -12.82 -13.44 4.41
CA PHE A 85 -13.59 -12.38 3.77
C PHE A 85 -14.67 -13.04 2.92
N SER A 86 -14.30 -14.12 2.24
CA SER A 86 -15.24 -14.86 1.40
C SER A 86 -16.50 -15.23 2.18
N ALA A 87 -16.29 -15.95 3.27
CA ALA A 87 -17.40 -16.41 4.12
C ALA A 87 -18.31 -15.27 4.53
N ILE A 88 -17.74 -14.14 4.93
CA ILE A 88 -18.54 -13.00 5.35
C ILE A 88 -19.30 -12.36 4.21
N ALA A 89 -18.65 -12.16 3.07
CA ALA A 89 -19.29 -11.52 1.94
C ALA A 89 -20.34 -12.35 1.17
N SER A 90 -20.15 -13.67 1.10
CA SER A 90 -21.10 -14.53 0.37
C SER A 90 -22.47 -14.74 0.98
N LYS A 91 -22.62 -14.46 2.28
CA LYS A 91 -23.91 -14.64 2.93
C LYS A 91 -24.49 -13.30 3.32
N THR A 92 -25.63 -12.97 2.74
CA THR A 92 -26.27 -11.70 3.00
C THR A 92 -26.45 -11.35 4.48
N GLN A 93 -26.61 -12.33 5.35
CA GLN A 93 -26.80 -12.05 6.77
C GLN A 93 -25.51 -11.69 7.49
N SER A 94 -24.43 -12.43 7.23
CA SER A 94 -23.17 -12.13 7.87
C SER A 94 -22.61 -10.83 7.29
N ARG A 95 -22.93 -10.58 6.03
CA ARG A 95 -22.48 -9.36 5.35
C ARG A 95 -23.15 -8.12 5.93
N ARG A 96 -24.47 -8.21 6.16
CA ARG A 96 -25.25 -7.09 6.71
C ARG A 96 -24.81 -6.79 8.14
N THR A 97 -24.46 -7.84 8.86
CA THR A 97 -24.03 -7.71 10.24
C THR A 97 -22.71 -6.95 10.30
N PHE A 98 -21.77 -7.32 9.44
CA PHE A 98 -20.47 -6.67 9.40
C PHE A 98 -20.63 -5.20 9.05
N ILE A 99 -21.40 -4.92 7.99
CA ILE A 99 -21.63 -3.56 7.52
C ILE A 99 -22.24 -2.67 8.60
N LYS A 100 -23.23 -3.20 9.30
CA LYS A 100 -23.91 -2.46 10.36
C LYS A 100 -23.00 -2.09 11.52
N SER A 101 -21.99 -2.91 11.76
CA SER A 101 -21.06 -2.68 12.87
C SER A 101 -19.99 -1.63 12.57
N VAL A 102 -19.76 -1.33 11.30
CA VAL A 102 -18.69 -0.40 10.95
C VAL A 102 -18.81 1.08 11.35
N PRO A 103 -19.89 1.77 10.95
CA PRO A 103 -20.03 3.19 11.32
C PRO A 103 -19.84 3.53 12.81
N PRO A 104 -20.57 2.84 13.72
CA PRO A 104 -20.41 3.14 15.14
C PRO A 104 -18.98 2.98 15.64
N PHE A 105 -18.29 1.98 15.11
CA PHE A 105 -16.90 1.71 15.48
C PHE A 105 -16.01 2.89 15.03
N LEU A 106 -16.17 3.27 13.77
CA LEU A 106 -15.40 4.38 13.20
C LEU A 106 -15.69 5.67 13.96
N ARG A 107 -16.96 5.90 14.28
CA ARG A 107 -17.40 7.10 15.00
C ARG A 107 -16.79 7.15 16.42
N THR A 108 -16.84 6.02 17.12
CA THR A 108 -16.30 5.93 18.47
C THR A 108 -14.81 6.23 18.53
N HIS A 109 -14.07 5.72 17.57
CA HIS A 109 -12.63 5.94 17.58
C HIS A 109 -12.09 7.11 16.75
N GLY A 110 -12.99 7.88 16.16
CA GLY A 110 -12.57 9.05 15.42
C GLY A 110 -12.06 8.91 14.00
N PHE A 111 -12.38 7.80 13.33
CA PHE A 111 -11.95 7.62 11.95
C PHE A 111 -12.91 8.29 11.00
N ASP A 112 -12.42 8.65 9.81
CA ASP A 112 -13.23 9.30 8.80
C ASP A 112 -13.67 8.33 7.70
N GLY A 113 -13.23 7.09 7.79
CA GLY A 113 -13.61 6.15 6.75
C GLY A 113 -13.04 4.76 6.92
N LEU A 114 -13.43 3.87 6.02
CA LEU A 114 -12.98 2.50 6.04
C LEU A 114 -12.26 2.14 4.75
N ASP A 115 -11.16 1.40 4.88
CA ASP A 115 -10.40 0.95 3.72
C ASP A 115 -10.50 -0.57 3.67
N LEU A 116 -10.87 -1.10 2.51
CA LEU A 116 -11.02 -2.54 2.33
C LEU A 116 -9.77 -3.15 1.73
N ALA A 117 -9.14 -4.06 2.46
CA ALA A 117 -7.93 -4.72 1.98
C ALA A 117 -8.12 -6.24 1.89
N TRP A 118 -9.03 -6.67 1.03
CA TRP A 118 -9.31 -8.08 0.81
C TRP A 118 -8.23 -8.52 -0.17
N LEU A 119 -7.27 -9.30 0.29
CA LEU A 119 -6.15 -9.72 -0.57
C LEU A 119 -6.09 -11.26 -0.70
N TYR A 120 -6.68 -11.86 -1.74
CA TYR A 120 -7.39 -11.20 -2.83
C TYR A 120 -8.68 -11.95 -3.18
N PRO A 121 -9.66 -11.25 -3.81
CA PRO A 121 -10.91 -11.93 -4.17
C PRO A 121 -10.67 -12.95 -5.28
N GLY A 122 -11.38 -14.07 -5.25
CA GLY A 122 -11.21 -15.07 -6.29
C GLY A 122 -12.35 -14.97 -7.30
N ARG A 123 -12.33 -15.83 -8.30
CA ARG A 123 -13.36 -15.87 -9.33
C ARG A 123 -14.76 -16.00 -8.74
N ARG A 124 -14.90 -16.82 -7.71
CA ARG A 124 -16.21 -17.02 -7.08
C ARG A 124 -16.61 -15.87 -6.15
N ASP A 125 -15.69 -14.95 -5.91
CA ASP A 125 -15.95 -13.81 -5.02
C ASP A 125 -16.36 -12.52 -5.71
N LYS A 126 -15.97 -12.36 -6.97
CA LYS A 126 -16.26 -11.13 -7.69
C LYS A 126 -17.64 -10.54 -7.43
N ARG A 127 -18.68 -11.35 -7.55
CA ARG A 127 -20.05 -10.89 -7.35
C ARG A 127 -20.33 -10.38 -5.94
N HIS A 128 -19.79 -11.08 -4.94
CA HIS A 128 -20.00 -10.70 -3.55
C HIS A 128 -19.21 -9.46 -3.14
N LEU A 129 -18.06 -9.22 -3.76
CA LEU A 129 -17.23 -8.06 -3.46
C LEU A 129 -18.07 -6.86 -3.86
N THR A 130 -18.65 -6.93 -5.05
CA THR A 130 -19.49 -5.86 -5.56
C THR A 130 -20.63 -5.56 -4.61
N THR A 131 -21.25 -6.61 -4.09
CA THR A 131 -22.35 -6.47 -3.14
C THR A 131 -21.87 -5.77 -1.87
N LEU A 132 -20.75 -6.24 -1.34
CA LEU A 132 -20.16 -5.67 -0.13
C LEU A 132 -19.89 -4.16 -0.25
N VAL A 133 -19.30 -3.77 -1.37
CA VAL A 133 -18.98 -2.37 -1.63
C VAL A 133 -20.26 -1.53 -1.74
N LYS A 134 -21.19 -2.01 -2.57
CA LYS A 134 -22.47 -1.32 -2.78
C LYS A 134 -23.20 -1.07 -1.45
N GLU A 135 -23.43 -2.15 -0.72
CA GLU A 135 -24.15 -2.10 0.54
C GLU A 135 -23.39 -1.34 1.62
N MET A 136 -22.07 -1.41 1.62
CA MET A 136 -21.31 -0.67 2.61
C MET A 136 -21.52 0.82 2.36
N LYS A 137 -21.40 1.23 1.09
CA LYS A 137 -21.58 2.64 0.72
C LYS A 137 -23.00 3.12 1.00
N ALA A 138 -24.00 2.29 0.69
CA ALA A 138 -25.39 2.66 0.96
C ALA A 138 -25.56 2.96 2.45
N GLU A 139 -24.94 2.13 3.29
CA GLU A 139 -25.01 2.31 4.73
C GLU A 139 -24.34 3.61 5.18
N PHE A 140 -23.23 3.96 4.54
CA PHE A 140 -22.53 5.20 4.88
C PHE A 140 -23.38 6.41 4.49
N ILE A 141 -24.04 6.31 3.35
CA ILE A 141 -24.89 7.38 2.87
C ILE A 141 -26.04 7.59 3.85
N ARG A 142 -26.58 6.49 4.37
CA ARG A 142 -27.68 6.54 5.32
C ARG A 142 -27.24 7.12 6.67
N GLU A 143 -26.08 6.69 7.16
CA GLU A 143 -25.57 7.16 8.45
C GLU A 143 -25.36 8.67 8.49
N ALA A 144 -24.98 9.26 7.36
CA ALA A 144 -24.73 10.70 7.30
C ALA A 144 -25.98 11.56 7.44
N GLN A 145 -27.16 10.95 7.40
CA GLN A 145 -28.41 11.67 7.57
C GLN A 145 -28.48 12.22 8.99
N ALA A 146 -27.67 11.65 9.87
CA ALA A 146 -27.64 12.06 11.26
C ALA A 146 -26.93 13.39 11.45
N GLY A 147 -26.46 13.99 10.35
CA GLY A 147 -25.80 15.28 10.43
C GLY A 147 -24.28 15.32 10.52
N THR A 148 -23.65 14.15 10.45
CA THR A 148 -22.19 14.08 10.51
C THR A 148 -21.64 13.92 9.10
N GLU A 149 -20.38 14.30 8.89
CA GLU A 149 -19.77 14.17 7.57
C GLU A 149 -19.71 12.70 7.15
N GLN A 150 -20.22 12.41 5.96
CA GLN A 150 -20.26 11.07 5.43
C GLN A 150 -18.91 10.36 5.42
N LEU A 151 -18.91 9.12 5.90
CA LEU A 151 -17.70 8.30 5.95
C LEU A 151 -17.18 7.96 4.56
N LEU A 152 -15.86 7.88 4.45
CA LEU A 152 -15.19 7.56 3.21
C LEU A 152 -15.05 6.05 3.07
N LEU A 153 -15.09 5.58 1.82
CA LEU A 153 -14.94 4.15 1.55
C LEU A 153 -13.88 3.98 0.46
N SER A 154 -12.84 3.22 0.76
CA SER A 154 -11.78 2.99 -0.21
C SER A 154 -11.45 1.51 -0.26
N ALA A 155 -10.64 1.13 -1.23
CA ALA A 155 -10.23 -0.26 -1.37
C ALA A 155 -8.83 -0.34 -1.98
N ALA A 156 -8.03 -1.27 -1.47
CA ALA A 156 -6.69 -1.52 -1.98
C ALA A 156 -6.93 -2.65 -2.97
N VAL A 157 -6.52 -2.44 -4.22
CA VAL A 157 -6.77 -3.41 -5.30
C VAL A 157 -5.50 -3.93 -5.99
N SER A 158 -5.52 -5.21 -6.36
CA SER A 158 -4.39 -5.82 -7.04
C SER A 158 -4.05 -5.09 -8.34
N ALA A 159 -2.78 -5.08 -8.70
CA ALA A 159 -2.35 -4.44 -9.94
C ALA A 159 -2.03 -5.50 -10.99
N GLY A 160 -2.18 -6.77 -10.64
CA GLY A 160 -1.90 -7.85 -11.57
C GLY A 160 -3.08 -8.14 -12.48
N LYS A 161 -2.85 -8.03 -13.78
CA LYS A 161 -3.90 -8.26 -14.80
C LYS A 161 -4.80 -9.45 -14.53
N ILE A 162 -4.18 -10.61 -14.29
CA ILE A 162 -4.92 -11.83 -14.04
C ILE A 162 -5.75 -11.76 -12.77
N ALA A 163 -5.17 -11.18 -11.71
CA ALA A 163 -5.88 -11.04 -10.45
C ALA A 163 -7.10 -10.13 -10.63
N ILE A 164 -6.93 -9.08 -11.42
CA ILE A 164 -8.02 -8.13 -11.67
C ILE A 164 -9.15 -8.78 -12.47
N ASP A 165 -8.80 -9.46 -13.56
CA ASP A 165 -9.79 -10.12 -14.40
C ASP A 165 -10.57 -11.16 -13.60
N ARG A 166 -9.86 -11.86 -12.73
CA ARG A 166 -10.45 -12.90 -11.91
C ARG A 166 -11.39 -12.47 -10.78
N GLY A 167 -10.98 -11.48 -9.98
CA GLY A 167 -11.82 -11.10 -8.85
C GLY A 167 -12.54 -9.78 -8.73
N TYR A 168 -12.39 -8.87 -9.67
CA TYR A 168 -13.04 -7.57 -9.53
C TYR A 168 -13.89 -7.08 -10.69
N ASP A 169 -15.02 -6.48 -10.38
CA ASP A 169 -15.86 -5.88 -11.40
C ASP A 169 -15.50 -4.40 -11.23
N ILE A 170 -14.39 -4.00 -11.85
CA ILE A 170 -13.88 -2.65 -11.75
C ILE A 170 -14.87 -1.53 -12.08
N ALA A 171 -15.62 -1.69 -13.17
CA ALA A 171 -16.59 -0.65 -13.55
C ALA A 171 -17.63 -0.42 -12.46
N GLN A 172 -18.09 -1.50 -11.84
CA GLN A 172 -19.10 -1.39 -10.78
C GLN A 172 -18.59 -0.79 -9.47
N ILE A 173 -17.56 -1.39 -8.87
CA ILE A 173 -17.09 -0.87 -7.60
C ILE A 173 -16.53 0.54 -7.67
N SER A 174 -16.02 0.93 -8.84
CA SER A 174 -15.49 2.28 -9.03
C SER A 174 -16.53 3.35 -8.73
N ARG A 175 -17.80 3.06 -9.05
CA ARG A 175 -18.89 4.01 -8.82
C ARG A 175 -19.16 4.26 -7.35
N HIS A 176 -18.89 3.26 -6.51
CA HIS A 176 -19.17 3.39 -5.09
C HIS A 176 -18.00 3.74 -4.17
N LEU A 177 -16.77 3.53 -4.63
CA LEU A 177 -15.59 3.82 -3.82
C LEU A 177 -15.17 5.26 -3.99
N ASP A 178 -14.64 5.87 -2.92
CA ASP A 178 -14.19 7.25 -2.99
C ASP A 178 -12.84 7.31 -3.70
N PHE A 179 -12.02 6.27 -3.51
CA PHE A 179 -10.76 6.15 -4.21
C PHE A 179 -10.32 4.69 -4.18
N ILE A 180 -9.48 4.32 -5.13
CA ILE A 180 -8.98 2.97 -5.26
C ILE A 180 -7.47 3.03 -5.28
N SER A 181 -6.82 2.29 -4.38
CA SER A 181 -5.37 2.26 -4.35
C SER A 181 -4.86 1.05 -5.12
N LEU A 182 -4.07 1.31 -6.17
CA LEU A 182 -3.49 0.25 -6.98
C LEU A 182 -2.21 -0.23 -6.31
N LEU A 183 -2.13 -1.52 -6.03
CA LEU A 183 -0.94 -2.08 -5.39
C LEU A 183 0.13 -2.33 -6.44
N THR A 184 0.64 -1.23 -7.01
CA THR A 184 1.63 -1.33 -8.07
C THR A 184 3.06 -1.58 -7.59
N TYR A 185 3.23 -2.55 -6.70
CA TYR A 185 4.56 -2.88 -6.21
C TYR A 185 4.73 -4.35 -5.87
N ASP A 186 3.82 -5.19 -6.34
CA ASP A 186 3.93 -6.61 -6.05
C ASP A 186 4.06 -7.40 -7.35
N PHE A 187 4.92 -6.92 -8.24
CA PHE A 187 5.10 -7.57 -9.53
C PHE A 187 6.16 -8.64 -9.61
N HIS A 188 6.94 -8.82 -8.54
CA HIS A 188 7.97 -9.85 -8.55
C HIS A 188 8.33 -10.23 -7.12
N GLY A 189 9.27 -11.16 -6.97
CA GLY A 189 9.67 -11.59 -5.65
C GLY A 189 8.83 -12.81 -5.38
N ALA A 190 7.52 -12.61 -5.43
CA ALA A 190 6.54 -13.66 -5.19
C ALA A 190 7.00 -15.01 -5.72
N TRP A 191 7.69 -15.73 -4.85
CA TRP A 191 8.21 -17.04 -5.16
C TRP A 191 8.59 -17.25 -6.62
N ARG A 192 9.63 -16.59 -7.08
CA ARG A 192 10.14 -16.75 -8.45
C ARG A 192 11.67 -17.03 -8.38
N GLN A 193 12.10 -18.02 -9.14
CA GLN A 193 13.49 -18.46 -9.15
C GLN A 193 14.47 -17.57 -9.88
N THR A 194 14.09 -16.32 -10.15
CA THR A 194 14.98 -15.42 -10.85
C THR A 194 14.94 -14.04 -10.21
N VAL A 195 15.94 -13.22 -10.53
CA VAL A 195 16.03 -11.87 -9.99
C VAL A 195 15.18 -10.93 -10.86
N GLY A 196 14.55 -9.95 -10.23
CA GLY A 196 13.71 -9.01 -10.95
C GLY A 196 13.18 -7.92 -10.02
N HIS A 197 12.70 -6.82 -10.59
CA HIS A 197 12.19 -5.71 -9.80
C HIS A 197 10.68 -5.82 -9.57
N HIS A 198 10.26 -5.63 -8.33
CA HIS A 198 8.86 -5.71 -7.94
C HIS A 198 8.01 -4.48 -8.23
N SER A 199 8.64 -3.35 -8.54
CA SER A 199 7.86 -2.14 -8.80
C SER A 199 8.34 -1.32 -10.00
N PRO A 200 8.51 -1.97 -11.16
CA PRO A 200 8.96 -1.19 -12.32
C PRO A 200 7.85 -0.29 -12.87
N LEU A 201 8.20 0.89 -13.35
CA LEU A 201 7.23 1.81 -13.89
C LEU A 201 6.84 1.40 -15.31
N PHE A 202 7.84 1.05 -16.12
CA PHE A 202 7.62 0.63 -17.50
C PHE A 202 8.11 -0.78 -17.74
N ALA A 203 7.66 -1.40 -18.82
CA ALA A 203 8.02 -2.77 -19.16
C ALA A 203 9.48 -3.02 -19.48
N GLY A 204 10.10 -2.13 -20.25
CA GLY A 204 11.49 -2.33 -20.59
C GLY A 204 11.65 -3.41 -21.64
N ASN A 205 11.83 -2.99 -22.89
CA ASN A 205 11.95 -3.91 -24.04
C ASN A 205 12.85 -5.13 -23.83
N GLU A 206 13.86 -5.02 -22.98
CA GLU A 206 14.74 -6.15 -22.73
C GLU A 206 14.09 -7.26 -21.91
N ASP A 207 13.69 -8.32 -22.61
CA ASP A 207 13.04 -9.52 -22.06
C ASP A 207 11.52 -9.36 -21.90
N ALA A 208 10.86 -9.09 -23.02
CA ALA A 208 9.40 -8.90 -23.05
C ALA A 208 8.57 -10.18 -22.88
N SER A 209 8.25 -10.51 -21.63
CA SER A 209 7.46 -11.68 -21.30
C SER A 209 6.42 -11.31 -20.23
N SER A 210 6.85 -10.62 -19.18
CA SER A 210 5.92 -10.18 -18.17
C SER A 210 5.57 -8.73 -18.50
N ARG A 211 4.93 -8.67 -19.65
CA ARG A 211 4.43 -7.54 -20.34
C ARG A 211 3.34 -6.81 -19.56
N PHE A 212 2.75 -7.51 -18.61
CA PHE A 212 1.68 -6.95 -17.80
C PHE A 212 2.15 -6.47 -16.43
N SER A 213 3.34 -6.89 -16.03
CA SER A 213 3.88 -6.57 -14.71
C SER A 213 4.66 -5.29 -14.50
N ASN A 214 4.01 -4.16 -14.73
CA ASN A 214 4.63 -2.86 -14.52
C ASN A 214 3.50 -1.90 -14.21
N ALA A 215 3.82 -0.79 -13.55
CA ALA A 215 2.80 0.19 -13.17
C ALA A 215 2.03 0.77 -14.37
N ASP A 216 2.74 1.08 -15.45
CA ASP A 216 2.11 1.65 -16.62
C ASP A 216 1.02 0.76 -17.21
N TYR A 217 1.27 -0.55 -17.29
CA TYR A 217 0.24 -1.42 -17.82
C TYR A 217 -0.98 -1.49 -16.88
N ALA A 218 -0.73 -1.63 -15.58
CA ALA A 218 -1.80 -1.70 -14.60
C ALA A 218 -2.71 -0.47 -14.64
N VAL A 219 -2.11 0.72 -14.70
CA VAL A 219 -2.88 1.96 -14.76
C VAL A 219 -3.73 2.00 -16.04
N SER A 220 -3.08 1.79 -17.19
CA SER A 220 -3.78 1.81 -18.48
C SER A 220 -4.96 0.85 -18.50
N TYR A 221 -4.74 -0.34 -17.95
CA TYR A 221 -5.76 -1.37 -17.90
C TYR A 221 -6.97 -0.97 -17.05
N MET A 222 -6.70 -0.43 -15.86
CA MET A 222 -7.76 0.03 -14.97
C MET A 222 -8.59 1.10 -15.65
N LEU A 223 -7.92 2.03 -16.31
CA LEU A 223 -8.62 3.11 -17.01
C LEU A 223 -9.49 2.54 -18.13
N ARG A 224 -9.01 1.49 -18.78
CA ARG A 224 -9.76 0.85 -19.86
C ARG A 224 -10.96 0.08 -19.32
N LEU A 225 -10.80 -0.54 -18.15
CA LEU A 225 -11.89 -1.31 -17.57
C LEU A 225 -13.02 -0.43 -17.04
N GLY A 226 -12.80 0.88 -16.99
CA GLY A 226 -13.85 1.77 -16.54
C GLY A 226 -13.65 2.58 -15.28
N ALA A 227 -12.51 2.46 -14.62
CA ALA A 227 -12.28 3.25 -13.41
C ALA A 227 -11.84 4.66 -13.80
N PRO A 228 -12.47 5.69 -13.21
CA PRO A 228 -12.06 7.05 -13.55
C PRO A 228 -10.70 7.39 -12.94
N ALA A 229 -9.91 8.14 -13.70
CA ALA A 229 -8.61 8.56 -13.25
C ALA A 229 -8.73 9.33 -11.94
N ASN A 230 -9.80 10.11 -11.78
CA ASN A 230 -9.94 10.88 -10.55
C ASN A 230 -10.27 10.07 -9.30
N LYS A 231 -10.35 8.75 -9.43
CA LYS A 231 -10.61 7.90 -8.27
C LYS A 231 -9.45 6.94 -8.09
N LEU A 232 -8.53 6.96 -9.05
CA LEU A 232 -7.36 6.08 -9.05
C LEU A 232 -6.16 6.68 -8.36
N VAL A 233 -5.55 5.89 -7.48
CA VAL A 233 -4.37 6.30 -6.74
C VAL A 233 -3.29 5.23 -6.94
N MET A 234 -2.10 5.67 -7.36
CA MET A 234 -1.02 4.74 -7.63
C MET A 234 -0.14 4.44 -6.42
N GLY A 235 0.03 3.14 -6.12
CA GLY A 235 0.84 2.72 -5.00
C GLY A 235 2.33 2.87 -5.23
N ILE A 236 3.02 3.39 -4.22
CA ILE A 236 4.47 3.60 -4.27
C ILE A 236 5.04 2.95 -3.02
N PRO A 237 5.97 1.99 -3.21
CA PRO A 237 6.54 1.32 -2.05
C PRO A 237 7.68 2.09 -1.39
N THR A 238 7.76 1.92 -0.09
CA THR A 238 8.77 2.57 0.70
C THR A 238 9.74 1.52 1.23
N PHE A 239 9.58 0.31 0.71
CA PHE A 239 10.40 -0.83 1.09
C PHE A 239 11.04 -1.43 -0.15
N GLY A 240 11.94 -2.38 0.05
CA GLY A 240 12.58 -3.04 -1.08
C GLY A 240 12.45 -4.53 -0.90
N ARG A 241 12.67 -5.29 -1.97
CA ARG A 241 12.59 -6.74 -1.86
C ARG A 241 13.99 -7.29 -2.14
N SER A 242 14.43 -8.22 -1.31
CA SER A 242 15.76 -8.80 -1.41
C SER A 242 15.83 -10.26 -1.83
N PHE A 243 16.96 -10.64 -2.40
CA PHE A 243 17.19 -12.01 -2.86
C PHE A 243 18.60 -12.47 -2.52
N THR A 244 18.74 -13.77 -2.32
CA THR A 244 20.04 -14.37 -2.07
C THR A 244 20.41 -14.94 -3.43
N LEU A 245 21.50 -14.44 -4.03
CA LEU A 245 21.92 -14.91 -5.33
C LEU A 245 22.48 -16.34 -5.29
N ALA A 246 22.18 -17.11 -6.33
CA ALA A 246 22.62 -18.49 -6.44
C ALA A 246 23.96 -18.57 -7.19
N SER A 247 24.29 -17.50 -7.89
CA SER A 247 25.55 -17.46 -8.65
C SER A 247 26.16 -16.08 -8.51
N SER A 248 27.32 -15.89 -9.12
CA SER A 248 27.98 -14.59 -9.05
C SER A 248 27.38 -13.63 -10.08
N LYS A 249 26.41 -14.11 -10.85
CA LYS A 249 25.77 -13.27 -11.87
C LYS A 249 24.82 -12.30 -11.16
N THR A 250 24.93 -11.02 -11.50
CA THR A 250 24.15 -9.95 -10.89
C THR A 250 23.10 -9.28 -11.80
N ASP A 251 23.28 -9.38 -13.10
CA ASP A 251 22.38 -8.76 -14.07
C ASP A 251 21.04 -9.47 -14.27
N VAL A 252 20.22 -8.90 -15.16
CA VAL A 252 18.89 -9.42 -15.49
C VAL A 252 18.83 -10.93 -15.67
N GLY A 253 17.80 -11.54 -15.11
CA GLY A 253 17.60 -12.99 -15.22
C GLY A 253 18.43 -13.91 -14.32
N ALA A 254 19.47 -13.39 -13.67
CA ALA A 254 20.34 -14.18 -12.80
C ALA A 254 19.62 -15.07 -11.74
N PRO A 255 20.17 -16.25 -11.53
CA PRO A 255 19.67 -17.24 -10.58
C PRO A 255 19.46 -16.71 -9.20
N VAL A 256 18.52 -17.31 -8.48
CA VAL A 256 18.21 -16.89 -7.12
C VAL A 256 17.94 -18.13 -6.28
N SER A 257 18.56 -18.20 -5.12
CA SER A 257 18.42 -19.34 -4.22
C SER A 257 17.25 -19.21 -3.25
N GLY A 258 16.85 -17.97 -2.99
CA GLY A 258 15.75 -17.72 -2.09
C GLY A 258 15.73 -16.26 -1.71
N PRO A 259 14.85 -15.86 -0.78
CA PRO A 259 14.76 -14.46 -0.35
C PRO A 259 16.02 -13.99 0.36
N GLY A 260 16.17 -12.67 0.42
CA GLY A 260 17.32 -12.08 1.06
C GLY A 260 17.33 -12.27 2.56
N VAL A 261 18.50 -12.03 3.14
CA VAL A 261 18.73 -12.12 4.56
C VAL A 261 17.92 -11.03 5.25
N PRO A 262 17.28 -11.34 6.39
CA PRO A 262 16.46 -10.35 7.12
C PRO A 262 17.19 -9.06 7.46
N GLY A 263 16.40 -7.99 7.60
CA GLY A 263 16.96 -6.70 7.98
C GLY A 263 17.07 -6.72 9.49
N ARG A 264 18.02 -5.99 10.03
CA ARG A 264 18.23 -5.95 11.47
C ARG A 264 17.03 -5.44 12.26
N PHE A 265 16.26 -4.53 11.67
CA PHE A 265 15.09 -3.97 12.35
C PHE A 265 13.75 -4.58 11.93
N THR A 266 13.56 -4.82 10.64
CA THR A 266 12.31 -5.38 10.16
C THR A 266 12.18 -6.89 10.37
N LYS A 267 13.31 -7.59 10.38
CA LYS A 267 13.32 -9.02 10.62
C LYS A 267 12.39 -9.87 9.80
N GLU A 268 12.30 -9.58 8.51
CA GLU A 268 11.46 -10.39 7.65
C GLU A 268 12.26 -10.72 6.39
N LYS A 269 12.48 -12.02 6.17
CA LYS A 269 13.20 -12.48 4.99
C LYS A 269 12.54 -11.92 3.74
N GLY A 270 13.33 -11.42 2.81
CA GLY A 270 12.79 -10.91 1.57
C GLY A 270 12.38 -9.45 1.54
N ILE A 271 12.33 -8.81 2.70
CA ILE A 271 11.96 -7.39 2.76
C ILE A 271 13.00 -6.58 3.51
N LEU A 272 13.09 -5.29 3.15
CA LEU A 272 13.99 -4.35 3.80
C LEU A 272 13.31 -3.00 3.79
N ALA A 273 13.36 -2.30 4.92
CA ALA A 273 12.78 -0.96 4.97
C ALA A 273 13.75 -0.02 4.25
N TYR A 274 13.24 1.11 3.78
CA TYR A 274 14.11 2.05 3.09
C TYR A 274 15.26 2.49 3.99
N TYR A 275 14.99 2.69 5.28
CA TYR A 275 16.07 3.11 6.16
C TYR A 275 17.11 2.00 6.30
N GLU A 276 16.71 0.74 6.12
CA GLU A 276 17.67 -0.35 6.20
C GLU A 276 18.47 -0.41 4.89
N ILE A 277 17.82 -0.05 3.79
CA ILE A 277 18.49 -0.04 2.49
C ILE A 277 19.54 1.05 2.45
N CYS A 278 19.25 2.18 3.09
CA CYS A 278 20.19 3.29 3.14
C CYS A 278 21.50 2.82 3.77
N ASP A 279 21.39 1.97 4.79
CA ASP A 279 22.54 1.44 5.47
C ASP A 279 23.22 0.38 4.61
N PHE A 280 22.41 -0.43 3.93
CA PHE A 280 22.90 -1.50 3.05
C PHE A 280 23.73 -0.96 1.88
N LEU A 281 23.37 0.23 1.40
CA LEU A 281 24.05 0.83 0.27
C LEU A 281 25.55 1.06 0.48
N HIS A 282 25.96 1.31 1.72
CA HIS A 282 27.37 1.52 2.00
C HIS A 282 28.16 0.27 1.67
N GLY A 283 28.98 0.35 0.62
CA GLY A 283 29.78 -0.79 0.21
C GLY A 283 29.09 -1.64 -0.83
N ALA A 284 27.96 -1.16 -1.33
CA ALA A 284 27.20 -1.89 -2.35
C ALA A 284 27.37 -1.26 -3.72
N THR A 285 27.07 -2.04 -4.74
CA THR A 285 27.15 -1.55 -6.10
C THR A 285 25.72 -1.23 -6.47
N THR A 286 25.48 -0.01 -6.95
CA THR A 286 24.13 0.38 -7.34
C THR A 286 23.99 0.38 -8.85
N HIS A 287 22.82 -0.04 -9.31
CA HIS A 287 22.52 -0.08 -10.74
C HIS A 287 21.11 0.46 -10.93
N ARG A 288 20.74 0.73 -12.18
CA ARG A 288 19.40 1.20 -12.46
C ARG A 288 18.95 0.66 -13.81
N PHE A 289 17.74 0.10 -13.84
CA PHE A 289 17.18 -0.41 -15.08
C PHE A 289 16.74 0.84 -15.83
N ARG A 290 17.37 1.15 -16.96
CA ARG A 290 16.98 2.34 -17.69
C ARG A 290 15.57 2.23 -18.29
N ASP A 291 15.22 1.07 -18.83
CA ASP A 291 13.88 0.91 -19.40
C ASP A 291 12.77 0.98 -18.33
N GLN A 292 12.97 0.29 -17.21
CA GLN A 292 11.98 0.25 -16.14
C GLN A 292 12.02 1.47 -15.22
N GLN A 293 13.14 2.17 -15.24
CA GLN A 293 13.35 3.38 -14.44
C GLN A 293 13.31 3.20 -12.92
N VAL A 294 13.88 2.09 -12.45
CA VAL A 294 13.96 1.79 -11.02
C VAL A 294 15.35 1.22 -10.73
N PRO A 295 15.88 1.46 -9.52
CA PRO A 295 17.21 0.97 -9.16
C PRO A 295 17.25 -0.36 -8.42
N TYR A 296 18.45 -0.91 -8.32
CA TYR A 296 18.68 -2.14 -7.57
C TYR A 296 20.13 -2.07 -7.10
N ALA A 297 20.49 -2.91 -6.14
CA ALA A 297 21.86 -2.87 -5.62
C ALA A 297 22.31 -4.25 -5.17
N THR A 298 23.63 -4.45 -5.10
CA THR A 298 24.19 -5.72 -4.68
C THR A 298 25.39 -5.54 -3.76
N LYS A 299 25.60 -6.55 -2.93
CA LYS A 299 26.67 -6.56 -1.95
C LYS A 299 26.80 -8.04 -1.63
N GLY A 300 27.98 -8.61 -1.85
CA GLY A 300 28.15 -10.04 -1.58
C GLY A 300 27.15 -10.84 -2.39
N ASN A 301 26.38 -11.70 -1.73
CA ASN A 301 25.39 -12.49 -2.44
C ASN A 301 23.96 -11.98 -2.21
N GLN A 302 23.84 -10.69 -1.88
CA GLN A 302 22.53 -10.10 -1.63
C GLN A 302 22.15 -9.14 -2.77
N TRP A 303 20.95 -9.33 -3.31
CA TRP A 303 20.44 -8.49 -4.40
C TRP A 303 19.18 -7.80 -3.92
N VAL A 304 19.15 -6.47 -4.02
CA VAL A 304 18.00 -5.70 -3.55
C VAL A 304 17.36 -4.81 -4.62
N ALA A 305 16.05 -4.93 -4.80
CA ALA A 305 15.29 -4.10 -5.72
C ALA A 305 14.54 -3.09 -4.85
N TYR A 306 14.78 -1.80 -5.08
CA TYR A 306 14.15 -0.75 -4.27
C TYR A 306 13.80 0.49 -5.05
N ASP A 307 13.28 1.48 -4.33
CA ASP A 307 12.89 2.77 -4.91
C ASP A 307 13.61 3.85 -4.14
N ASP A 308 14.18 4.80 -4.86
CA ASP A 308 14.86 5.91 -4.19
C ASP A 308 14.14 7.22 -4.51
N GLN A 309 14.65 8.36 -4.05
CA GLN A 309 13.96 9.62 -4.28
C GLN A 309 13.72 9.89 -5.77
N GLU A 310 14.69 9.51 -6.59
CA GLU A 310 14.58 9.71 -8.03
C GLU A 310 13.47 8.87 -8.69
N SER A 311 13.42 7.58 -8.40
CA SER A 311 12.41 6.72 -9.02
C SER A 311 11.01 7.05 -8.51
N VAL A 312 10.93 7.44 -7.25
CA VAL A 312 9.67 7.79 -6.61
C VAL A 312 9.13 9.11 -7.21
N LYS A 313 10.02 10.06 -7.48
CA LYS A 313 9.62 11.34 -8.08
C LYS A 313 9.15 11.09 -9.50
N ASN A 314 9.81 10.14 -10.13
CA ASN A 314 9.50 9.77 -11.50
C ASN A 314 8.10 9.17 -11.59
N LYS A 315 7.76 8.31 -10.63
CA LYS A 315 6.45 7.69 -10.61
C LYS A 315 5.37 8.74 -10.32
N ALA A 316 5.71 9.73 -9.49
CA ALA A 316 4.78 10.80 -9.14
C ALA A 316 4.46 11.68 -10.36
N ARG A 317 5.45 11.93 -11.22
CA ARG A 317 5.25 12.73 -12.43
C ARG A 317 4.38 11.95 -13.39
N TYR A 318 4.64 10.64 -13.47
CA TYR A 318 3.89 9.79 -14.35
C TYR A 318 2.40 9.85 -13.99
N LEU A 319 2.09 9.73 -12.70
CA LEU A 319 0.69 9.75 -12.30
C LEU A 319 0.04 11.11 -12.53
N LYS A 320 0.82 12.19 -12.44
CA LYS A 320 0.27 13.51 -12.70
C LYS A 320 -0.03 13.61 -14.20
N ASN A 321 0.88 13.11 -15.02
CA ASN A 321 0.69 13.15 -16.47
C ASN A 321 -0.52 12.37 -16.94
N ARG A 322 -0.94 11.36 -16.17
CA ARG A 322 -2.12 10.60 -16.55
C ARG A 322 -3.33 11.11 -15.77
N GLN A 323 -3.13 12.21 -15.06
CA GLN A 323 -4.20 12.84 -14.30
C GLN A 323 -4.89 11.95 -13.29
N LEU A 324 -4.12 11.16 -12.54
CA LEU A 324 -4.74 10.29 -11.54
C LEU A 324 -5.04 11.14 -10.29
N ALA A 325 -5.82 10.59 -9.37
CA ALA A 325 -6.18 11.31 -8.15
C ALA A 325 -4.99 11.58 -7.23
N GLY A 326 -3.96 10.74 -7.29
CA GLY A 326 -2.81 10.97 -6.44
C GLY A 326 -1.98 9.72 -6.22
N ALA A 327 -1.26 9.71 -5.11
CA ALA A 327 -0.40 8.58 -4.77
C ALA A 327 -0.76 7.96 -3.42
N MET A 328 -0.38 6.69 -3.28
CA MET A 328 -0.57 5.94 -2.06
C MET A 328 0.82 5.43 -1.70
N VAL A 329 1.14 5.50 -0.43
CA VAL A 329 2.46 5.06 0.03
C VAL A 329 2.38 3.94 1.07
N TRP A 330 3.09 2.86 0.79
CA TRP A 330 3.17 1.75 1.73
C TRP A 330 4.65 1.59 2.04
N ALA A 331 5.10 1.93 3.25
CA ALA A 331 4.28 2.47 4.33
C ALA A 331 5.16 3.49 5.10
N LEU A 332 4.53 4.41 5.80
CA LEU A 332 5.26 5.43 6.56
C LEU A 332 6.35 4.91 7.49
N ASP A 333 6.07 3.80 8.16
CA ASP A 333 7.02 3.22 9.10
C ASP A 333 8.19 2.52 8.42
N LEU A 334 8.16 2.46 7.10
CA LEU A 334 9.24 1.81 6.36
C LEU A 334 10.15 2.86 5.72
N ASP A 335 9.64 4.09 5.64
CA ASP A 335 10.41 5.22 5.11
C ASP A 335 11.37 5.60 6.26
N ASP A 336 12.35 6.47 6.00
CA ASP A 336 13.27 6.90 7.07
C ASP A 336 12.51 7.94 7.90
N PHE A 337 11.59 7.47 8.74
CA PHE A 337 10.75 8.37 9.54
C PHE A 337 11.50 9.21 10.57
N ARG A 338 12.59 8.68 11.14
CA ARG A 338 13.36 9.46 12.10
C ARG A 338 14.30 10.41 11.36
N GLY A 339 14.60 10.06 10.10
CA GLY A 339 15.47 10.88 9.27
C GLY A 339 16.94 10.83 9.65
N THR A 340 17.34 9.76 10.33
CA THR A 340 18.73 9.62 10.75
C THR A 340 19.50 8.47 10.11
N PHE A 341 18.92 7.79 9.14
CA PHE A 341 19.62 6.68 8.49
C PHE A 341 20.07 7.04 7.09
N CYS A 342 19.26 7.81 6.37
CA CYS A 342 19.59 8.12 4.98
C CYS A 342 20.46 9.32 4.63
N GLY A 343 21.17 9.86 5.61
CA GLY A 343 22.05 10.98 5.33
C GLY A 343 21.39 12.34 5.43
N GLN A 344 21.00 12.92 4.30
CA GLN A 344 20.39 14.25 4.32
C GLN A 344 19.41 14.26 5.49
N ASN A 345 19.66 15.12 6.48
CA ASN A 345 18.82 15.25 7.67
C ASN A 345 17.37 15.58 7.32
N LEU A 346 16.71 14.68 6.59
CA LEU A 346 15.32 14.88 6.16
C LEU A 346 14.42 13.77 6.68
N THR A 347 13.34 14.14 7.35
CA THR A 347 12.37 13.18 7.89
C THR A 347 11.47 12.68 6.72
N PHE A 348 11.25 11.36 6.61
CA PHE A 348 10.41 10.79 5.52
C PHE A 348 10.91 11.24 4.14
N PRO A 349 12.16 10.94 3.79
CA PRO A 349 12.65 11.36 2.47
C PRO A 349 11.85 10.87 1.26
N LEU A 350 11.46 9.61 1.24
CA LEU A 350 10.70 9.08 0.12
C LEU A 350 9.30 9.69 -0.01
N THR A 351 8.55 9.69 1.08
CA THR A 351 7.21 10.25 1.04
C THR A 351 7.23 11.75 0.73
N SER A 352 8.22 12.46 1.27
CA SER A 352 8.38 13.90 1.03
C SER A 352 8.70 14.17 -0.44
N ALA A 353 9.52 13.32 -1.04
CA ALA A 353 9.88 13.48 -2.44
C ALA A 353 8.60 13.41 -3.29
N VAL A 354 7.70 12.49 -2.94
CA VAL A 354 6.44 12.35 -3.67
C VAL A 354 5.58 13.59 -3.46
N LYS A 355 5.49 14.06 -2.23
CA LYS A 355 4.69 15.23 -1.92
C LYS A 355 5.14 16.47 -2.71
N ASP A 356 6.45 16.67 -2.80
CA ASP A 356 7.00 17.81 -3.53
C ASP A 356 6.58 17.82 -4.98
N VAL A 357 6.64 16.67 -5.63
CA VAL A 357 6.26 16.62 -7.03
C VAL A 357 4.77 16.92 -7.16
N LEU A 358 3.97 16.33 -6.28
CA LEU A 358 2.53 16.53 -6.29
C LEU A 358 2.14 17.97 -6.02
N ALA A 359 2.98 18.70 -5.30
CA ALA A 359 2.68 20.10 -4.99
C ALA A 359 3.05 21.06 -6.13
N GLU A 360 3.82 20.59 -7.11
CA GLU A 360 4.19 21.42 -8.26
C GLU A 360 2.98 21.48 -9.19
N VAL A 361 3.05 22.26 -10.27
CA VAL A 361 1.93 22.29 -11.20
C VAL A 361 1.70 20.84 -11.60
C1 NAG B . -9.59 -11.72 14.92
C2 NAG B . -8.89 -12.11 16.19
C3 NAG B . -8.65 -13.64 16.10
C4 NAG B . -10.02 -14.37 15.82
C5 NAG B . -10.95 -13.65 14.83
C6 NAG B . -12.39 -14.07 15.05
C7 NAG B . -6.46 -11.60 16.30
C8 NAG B . -6.05 -12.64 15.26
N2 NAG B . -7.74 -11.26 16.46
O3 NAG B . -8.11 -14.10 17.32
O4 NAG B . -9.84 -15.74 15.34
O5 NAG B . -10.90 -12.23 15.01
O6 NAG B . -13.20 -13.76 13.94
O7 NAG B . -5.58 -11.05 16.96
C1 NDG B . -9.81 -16.71 16.33
C2 NDG B . -10.24 -18.15 15.92
C3 NDG B . -10.65 -18.90 17.23
C4 NDG B . -9.85 -18.31 18.45
C5 NDG B . -10.12 -16.82 18.62
C6 NDG B . -8.88 -16.02 18.99
C7 NDG B . -11.06 -18.38 13.65
C8 NDG B . -11.32 -17.22 12.71
O5 NDG B . -10.62 -16.28 17.41
O3 NDG B . -10.40 -20.29 17.09
O4 NDG B . -10.21 -18.91 19.71
O6 NDG B . -7.70 -16.82 18.95
O7 NDG B . -10.62 -19.45 13.19
N2 NDG B . -11.32 -18.18 14.94
C1 BMA B . -10.16 -20.27 19.98
C2 BMA B . -9.56 -20.41 21.42
C3 BMA B . -10.18 -21.50 22.26
C4 BMA B . -11.65 -21.11 22.23
C5 BMA B . -11.99 -21.67 20.87
C6 BMA B . -13.44 -22.01 20.61
O2 BMA B . -9.75 -19.17 22.10
O3 BMA B . -9.62 -21.54 23.56
O4 BMA B . -12.44 -21.67 23.31
O5 BMA B . -11.54 -20.75 19.84
O6 BMA B . -13.98 -21.12 19.63
C1 MAN B . -13.60 -20.98 23.74
C2 MAN B . -14.50 -20.52 22.60
C3 MAN B . -15.27 -19.24 22.94
C4 MAN B . -15.63 -19.25 24.42
C5 MAN B . -14.37 -19.28 25.29
C6 MAN B . -14.64 -20.09 26.55
O2 MAN B . -15.44 -21.54 22.29
O3 MAN B . -16.46 -19.18 22.18
O4 MAN B . -16.41 -18.10 24.74
O5 MAN B . -13.23 -19.88 24.59
O6 MAN B . -13.45 -20.36 27.27
C1 NDG C . 2.66 -6.84 4.55
C2 NDG C . 3.87 -6.65 5.46
C3 NDG C . 4.02 -7.91 6.30
C4 NDG C . 2.79 -7.95 7.19
C5 NDG C . 1.52 -8.08 6.33
C6 NDG C . 0.31 -7.90 7.25
C7 NDG C . 5.49 -5.13 4.55
C8 NDG C . 6.35 -4.87 3.32
O5 NDG C . 1.46 -7.03 5.33
O3 NDG C . 5.20 -7.84 7.09
O4 NDG C . 2.89 -9.03 8.11
O6 NDG C . -0.78 -8.71 6.85
O7 NDG C . 5.21 -4.22 5.34
N2 NDG C . 5.08 -6.39 4.71
O1 NDG C . 2.85 -7.94 3.73
C1 NAG C . 3.41 -8.68 9.35
C2 NAG C . 2.44 -9.10 10.42
C3 NAG C . 2.96 -8.67 11.77
C4 NAG C . 4.30 -9.36 12.04
C5 NAG C . 5.30 -9.19 10.84
C6 NAG C . 6.38 -10.25 10.91
C7 NAG C . 0.06 -9.29 10.35
C8 NAG C . -1.30 -8.63 10.18
N2 NAG C . 1.13 -8.53 10.16
O3 NAG C . 2.02 -9.06 12.75
O4 NAG C . 4.90 -8.85 13.28
O5 NAG C . 4.67 -9.36 9.53
O6 NAG C . 7.17 -10.28 9.73
O7 NAG C . 0.13 -10.47 10.66
C1 NAG C . 4.40 -9.33 14.50
C2 NAG C . 5.42 -9.12 15.64
C3 NAG C . 4.83 -9.50 17.03
C4 NAG C . 3.39 -9.01 17.24
C5 NAG C . 2.51 -9.17 16.00
C6 NAG C . 1.26 -8.34 16.22
C7 NAG C . 7.33 -9.85 14.28
C8 NAG C . 7.37 -11.15 13.49
N2 NAG C . 6.64 -9.89 15.43
O3 NAG C . 5.65 -8.91 18.03
O4 NAG C . 2.73 -9.65 18.39
O5 NAG C . 3.17 -8.63 14.82
O6 NAG C . 0.26 -8.66 15.28
O7 NAG C . 7.93 -8.85 13.88
C1 NAG C . 2.89 -8.93 19.57
C2 NAG C . 1.92 -9.25 20.76
C3 NAG C . 2.18 -8.07 21.71
C4 NAG C . 3.62 -8.15 22.21
C5 NAG C . 4.61 -8.16 21.02
C6 NAG C . 6.02 -8.54 21.43
C7 NAG C . -0.25 -10.21 21.21
C8 NAG C . -0.39 -9.90 22.70
N2 NAG C . 0.50 -9.40 20.45
O3 NAG C . 1.27 -8.05 22.80
O4 NAG C . 3.91 -7.04 23.04
O5 NAG C . 4.22 -9.13 20.02
O6 NAG C . 6.96 -7.78 20.69
O7 NAG C . -0.84 -11.19 20.75
#